data_9DOM
#
_entry.id   9DOM
#
_cell.length_a   45.395
_cell.length_b   69.239
_cell.length_c   79.857
_cell.angle_alpha   90.00
_cell.angle_beta   90.01
_cell.angle_gamma   90.00
#
_symmetry.space_group_name_H-M   'P 1 21 1'
#
loop_
_entity.id
_entity.type
_entity.pdbx_description
1 polymer 'Protein cereblon'
2 polymer 'Zinc finger protein Helios'
3 non-polymer "(3S)-3-(1'-benzyl-6-oxo-6,8-dihydro-2H,7H-spiro[furo[2,3-e]isoindole-3,4'-piperidin]-7-yl)piperidine-2,6-dione"
4 non-polymer 'ZINC ION'
5 water water
#
loop_
_entity_poly.entity_id
_entity_poly.type
_entity_poly.pdbx_seq_one_letter_code
_entity_poly.pdbx_strand_id
1 'polypeptide(L)'
;GPSTSLSCKQCQETEITTKNEIFSLSLSGPMAAYVNPHGYVHETLTVYKASNLNLIGRPSTEHSWFPGYAWTVAQCKICA
SHIGWKFTATKKDMSPQKFWGLTRSALLPTI
;
A,C,E,G
2 'polypeptide(L)' GGERPFHCNQCGASFTQKGNLLRHIKLHSG B,D,F,H
#
loop_
_chem_comp.id
_chem_comp.type
_chem_comp.name
_chem_comp.formula
A1A8N non-polymer (3S)-3-(1'-benzyl-6-oxo-6,8-dihydro-2H,7H-spiro[furo[2,3-e]isoindole-3,4'-piperidin]-7-yl)piperidine-2,6-dione 'C26 H27 N3 O4'
ZN non-polymer 'ZINC ION' 'Zn 2'
#
# COMPACT_ATOMS: atom_id res chain seq x y z
N SER A 3 -43.91 -3.71 -2.24
CA SER A 3 -43.50 -4.55 -3.40
C SER A 3 -42.05 -4.96 -3.26
N THR A 4 -41.61 -5.90 -4.12
CA THR A 4 -40.30 -6.51 -4.02
C THR A 4 -39.22 -5.43 -4.10
N SER A 5 -38.28 -5.50 -3.14
CA SER A 5 -37.14 -4.62 -3.09
C SER A 5 -36.07 -5.16 -4.02
N LEU A 6 -35.40 -4.24 -4.71
CA LEU A 6 -34.16 -4.53 -5.39
C LEU A 6 -32.98 -3.94 -4.61
N SER A 7 -31.96 -4.79 -4.38
CA SER A 7 -30.85 -4.48 -3.49
C SER A 7 -29.51 -4.54 -4.21
N CYS A 8 -28.50 -3.90 -3.61
CA CYS A 8 -27.16 -3.94 -4.14
C CYS A 8 -26.69 -5.40 -4.08
N LYS A 9 -26.19 -5.90 -5.22
CA LYS A 9 -25.81 -7.31 -5.31
C LYS A 9 -24.57 -7.57 -4.48
N GLN A 10 -23.67 -6.59 -4.41
CA GLN A 10 -22.37 -6.75 -3.74
C GLN A 10 -22.52 -6.85 -2.23
N CYS A 11 -23.21 -5.89 -1.64
CA CYS A 11 -23.58 -5.87 -0.22
C CYS A 11 -24.22 -7.13 0.36
N THR A 14 -28.66 -3.48 1.59
CA THR A 14 -28.98 -2.14 1.06
C THR A 14 -30.02 -2.21 -0.07
N GLU A 15 -31.25 -1.77 0.22
CA GLU A 15 -32.32 -1.58 -0.75
C GLU A 15 -32.01 -0.36 -1.62
N ILE A 16 -32.17 -0.52 -2.95
CA ILE A 16 -31.92 0.58 -3.87
C ILE A 16 -33.26 1.10 -4.43
N THR A 17 -34.15 0.18 -4.77
CA THR A 17 -35.45 0.58 -5.29
C THR A 17 -36.43 -0.56 -5.03
N THR A 18 -37.66 -0.36 -5.49
CA THR A 18 -38.68 -1.40 -5.42
C THR A 18 -39.35 -1.50 -6.78
N LYS A 19 -40.01 -2.63 -7.02
CA LYS A 19 -40.61 -2.87 -8.32
C LYS A 19 -41.69 -1.83 -8.63
N ASN A 20 -42.32 -1.29 -7.58
CA ASN A 20 -43.32 -0.25 -7.70
C ASN A 20 -42.75 1.02 -8.36
N GLU A 21 -41.43 1.13 -8.47
CA GLU A 21 -40.82 2.35 -9.00
C GLU A 21 -40.62 2.24 -10.51
N ILE A 22 -40.80 1.02 -11.05
CA ILE A 22 -40.34 0.75 -12.41
C ILE A 22 -41.32 1.37 -13.38
N PHE A 23 -40.79 1.99 -14.43
CA PHE A 23 -41.61 2.58 -15.45
C PHE A 23 -40.89 2.49 -16.79
N SER A 24 -41.62 2.75 -17.88
CA SER A 24 -41.01 2.80 -19.20
C SER A 24 -40.79 4.26 -19.60
N LEU A 25 -39.55 4.72 -19.55
CA LEU A 25 -39.18 6.06 -20.00
C LEU A 25 -39.48 6.21 -21.49
N SER A 26 -39.07 5.22 -22.27
CA SER A 26 -39.29 5.19 -23.69
C SER A 26 -40.01 3.89 -24.00
N LEU A 27 -40.33 3.68 -25.26
CA LEU A 27 -41.19 2.58 -25.65
C LEU A 27 -40.44 1.25 -25.66
N SER A 28 -39.13 1.26 -25.37
CA SER A 28 -38.35 0.02 -25.31
C SER A 28 -38.52 -0.70 -23.97
N GLY A 29 -39.71 -0.56 -23.36
CA GLY A 29 -40.06 -1.28 -22.14
C GLY A 29 -39.33 -0.64 -20.97
N PRO A 30 -39.46 -1.19 -19.73
CA PRO A 30 -38.77 -0.60 -18.59
C PRO A 30 -37.29 -0.96 -18.50
N MET A 31 -36.87 -2.01 -19.21
CA MET A 31 -35.48 -2.43 -19.20
C MET A 31 -35.10 -2.86 -20.60
N ALA A 32 -34.04 -2.25 -21.13
CA ALA A 32 -33.51 -2.65 -22.40
C ALA A 32 -31.99 -2.63 -22.33
N ALA A 33 -31.36 -3.21 -23.37
CA ALA A 33 -29.91 -3.17 -23.49
C ALA A 33 -29.52 -1.87 -24.15
N TYR A 34 -28.52 -1.20 -23.56
CA TYR A 34 -27.91 -0.02 -24.15
C TYR A 34 -26.40 -0.22 -24.26
N VAL A 35 -25.81 0.42 -25.27
CA VAL A 35 -24.39 0.24 -25.54
C VAL A 35 -23.65 1.54 -25.20
N ASN A 36 -22.59 1.41 -24.41
CA ASN A 36 -21.82 2.58 -24.03
C ASN A 36 -20.75 2.80 -25.09
N PRO A 37 -19.99 3.92 -25.00
CA PRO A 37 -19.07 4.28 -26.08
C PRO A 37 -17.89 3.31 -26.27
N HIS A 38 -17.72 2.38 -25.32
CA HIS A 38 -16.54 1.52 -25.28
C HIS A 38 -16.95 0.06 -25.38
N GLY A 39 -18.24 -0.19 -25.68
CA GLY A 39 -18.69 -1.53 -26.02
C GLY A 39 -19.23 -2.33 -24.83
N TYR A 40 -19.39 -1.68 -23.68
CA TYR A 40 -20.10 -2.29 -22.56
C TYR A 40 -21.59 -2.15 -22.80
N VAL A 41 -22.30 -3.25 -22.55
CA VAL A 41 -23.73 -3.30 -22.73
C VAL A 41 -24.34 -3.37 -21.34
N HIS A 42 -25.25 -2.44 -21.11
CA HIS A 42 -25.93 -2.25 -19.86
C HIS A 42 -27.43 -2.43 -20.07
N GLU A 43 -27.98 -3.49 -19.43
CA GLU A 43 -29.40 -3.62 -19.32
C GLU A 43 -29.87 -2.70 -18.21
N THR A 44 -30.49 -1.62 -18.66
CA THR A 44 -30.77 -0.46 -17.82
C THR A 44 -32.26 -0.37 -17.53
N LEU A 45 -32.59 -0.55 -16.25
CA LEU A 45 -33.95 -0.50 -15.74
C LEU A 45 -34.26 0.91 -15.26
N THR A 46 -35.37 1.51 -15.74
CA THR A 46 -35.71 2.87 -15.39
C THR A 46 -36.72 2.85 -14.26
N VAL A 47 -36.36 3.55 -13.17
CA VAL A 47 -37.20 3.69 -11.97
C VAL A 47 -37.30 5.16 -11.61
N TYR A 48 -38.43 5.55 -11.03
CA TYR A 48 -38.66 6.94 -10.72
C TYR A 48 -37.76 7.37 -9.57
N LYS A 49 -37.66 6.50 -8.54
CA LYS A 49 -36.92 6.83 -7.34
C LYS A 49 -36.01 5.68 -6.93
N ALA A 50 -34.85 6.05 -6.36
CA ALA A 50 -33.91 5.11 -5.83
C ALA A 50 -33.37 5.68 -4.52
N SER A 51 -33.00 4.77 -3.63
CA SER A 51 -32.42 5.15 -2.36
C SER A 51 -31.01 4.59 -2.23
N ASN A 52 -30.25 5.18 -1.31
CA ASN A 52 -29.02 4.58 -0.79
C ASN A 52 -27.93 4.65 -1.84
N LEU A 53 -27.98 5.68 -2.69
CA LEU A 53 -27.00 5.88 -3.75
C LEU A 53 -26.24 7.19 -3.50
N ASN A 54 -24.96 7.18 -3.88
CA ASN A 54 -24.14 8.38 -3.93
C ASN A 54 -23.81 8.67 -5.37
N LEU A 55 -23.70 9.96 -5.70
CA LEU A 55 -23.36 10.40 -7.04
C LEU A 55 -21.87 10.70 -7.13
N ILE A 56 -21.31 10.42 -8.32
CA ILE A 56 -19.94 10.76 -8.66
C ILE A 56 -19.98 11.75 -9.82
N GLY A 57 -19.19 12.80 -9.72
CA GLY A 57 -18.97 13.67 -10.87
C GLY A 57 -20.15 14.61 -11.10
N ARG A 58 -20.07 15.32 -12.23
CA ARG A 58 -21.09 16.26 -12.64
C ARG A 58 -21.98 15.56 -13.68
N PRO A 59 -23.23 16.02 -13.89
CA PRO A 59 -24.07 15.46 -14.95
C PRO A 59 -23.45 15.70 -16.32
N SER A 60 -23.67 14.78 -17.24
CA SER A 60 -23.22 14.90 -18.62
C SER A 60 -24.28 14.36 -19.56
N THR A 61 -24.33 14.94 -20.75
CA THR A 61 -25.23 14.47 -21.79
C THR A 61 -24.50 13.63 -22.83
N GLU A 62 -23.18 13.42 -22.70
CA GLU A 62 -22.42 12.70 -23.71
C GLU A 62 -22.90 11.25 -23.78
N HIS A 63 -23.29 10.81 -24.99
CA HIS A 63 -23.77 9.47 -25.26
C HIS A 63 -24.98 9.09 -24.39
N SER A 64 -25.77 10.09 -23.97
CA SER A 64 -26.95 9.80 -23.17
C SER A 64 -27.88 8.87 -23.94
N TRP A 65 -28.34 7.82 -23.26
CA TRP A 65 -29.27 6.85 -23.80
C TRP A 65 -30.68 7.39 -23.86
N PHE A 66 -30.92 8.52 -23.17
CA PHE A 66 -32.26 9.08 -23.05
C PHE A 66 -32.17 10.54 -23.44
N PRO A 67 -32.34 10.86 -24.74
CA PRO A 67 -32.16 12.24 -25.22
C PRO A 67 -32.97 13.24 -24.39
N GLY A 68 -32.32 14.35 -24.05
CA GLY A 68 -32.88 15.41 -23.21
C GLY A 68 -32.52 15.25 -21.73
N TYR A 69 -31.92 14.10 -21.38
CA TYR A 69 -31.48 13.84 -20.03
C TYR A 69 -29.96 13.78 -19.97
N ALA A 70 -29.44 14.32 -18.88
CA ALA A 70 -28.05 14.16 -18.49
C ALA A 70 -27.94 13.03 -17.47
N TRP A 71 -26.79 12.33 -17.49
CA TRP A 71 -26.52 11.24 -16.56
C TRP A 71 -25.49 11.68 -15.52
N THR A 72 -25.60 11.12 -14.32
CA THR A 72 -24.58 11.22 -13.29
C THR A 72 -24.37 9.83 -12.71
N VAL A 73 -23.11 9.37 -12.61
CA VAL A 73 -22.85 8.02 -12.13
C VAL A 73 -23.34 7.87 -10.72
N ALA A 74 -23.94 6.70 -10.44
CA ALA A 74 -24.52 6.44 -9.13
C ALA A 74 -23.98 5.12 -8.57
N GLN A 75 -23.54 5.15 -7.30
CA GLN A 75 -22.96 3.99 -6.64
C GLN A 75 -23.59 3.77 -5.28
N CYS A 76 -23.51 2.52 -4.83
CA CYS A 76 -23.98 2.12 -3.52
C CYS A 76 -23.29 2.92 -2.42
N LYS A 77 -24.07 3.50 -1.50
CA LYS A 77 -23.51 4.35 -0.46
C LYS A 77 -22.72 3.49 0.54
N ILE A 78 -23.04 2.18 0.60
CA ILE A 78 -22.42 1.27 1.54
C ILE A 78 -21.12 0.70 0.97
N CYS A 79 -21.12 0.09 -0.23
CA CYS A 79 -19.93 -0.62 -0.68
C CYS A 79 -19.23 0.07 -1.85
N ALA A 80 -19.82 1.13 -2.37
CA ALA A 80 -19.33 1.92 -3.51
C ALA A 80 -19.42 1.20 -4.85
N SER A 81 -20.01 0.01 -4.92
CA SER A 81 -20.24 -0.66 -6.20
C SER A 81 -21.06 0.21 -7.14
N HIS A 82 -20.67 0.25 -8.43
CA HIS A 82 -21.46 0.94 -9.45
C HIS A 82 -22.86 0.33 -9.55
N ILE A 83 -23.91 1.15 -9.45
CA ILE A 83 -25.28 0.66 -9.59
C ILE A 83 -25.93 1.17 -10.87
N GLY A 84 -25.75 2.44 -11.22
CA GLY A 84 -26.33 2.90 -12.48
C GLY A 84 -26.03 4.39 -12.64
N TRP A 85 -27.07 5.16 -12.98
CA TRP A 85 -26.97 6.59 -13.24
C TRP A 85 -28.27 7.27 -12.83
N LYS A 86 -28.14 8.47 -12.29
CA LYS A 86 -29.25 9.40 -12.18
C LYS A 86 -29.37 10.17 -13.47
N PHE A 87 -30.59 10.28 -13.98
CA PHE A 87 -30.89 11.05 -15.18
C PHE A 87 -31.74 12.26 -14.83
N THR A 88 -31.34 13.41 -15.38
CA THR A 88 -31.88 14.70 -15.00
C THR A 88 -32.16 15.45 -16.28
N ALA A 89 -33.39 15.96 -16.39
CA ALA A 89 -33.84 16.63 -17.58
C ALA A 89 -33.02 17.89 -17.78
N THR A 90 -32.71 18.22 -19.04
CA THR A 90 -32.03 19.46 -19.32
C THR A 90 -33.01 20.59 -19.64
N LYS A 91 -34.30 20.25 -19.82
CA LYS A 91 -35.34 21.22 -20.14
C LYS A 91 -36.53 21.03 -19.22
N LYS A 92 -37.28 22.11 -18.98
CA LYS A 92 -38.40 22.10 -18.06
C LYS A 92 -39.62 21.39 -18.64
N ASP A 93 -39.69 21.24 -19.96
CA ASP A 93 -40.90 20.75 -20.61
C ASP A 93 -40.88 19.23 -20.69
N MET A 94 -39.96 18.58 -19.98
CA MET A 94 -39.85 17.13 -20.00
C MET A 94 -40.48 16.58 -18.75
N SER A 95 -40.94 15.34 -18.84
CA SER A 95 -41.51 14.67 -17.70
C SER A 95 -41.17 13.19 -17.83
N PRO A 96 -40.61 12.51 -16.81
CA PRO A 96 -40.27 13.12 -15.52
C PRO A 96 -39.03 14.00 -15.61
N GLN A 97 -38.85 14.87 -14.61
CA GLN A 97 -37.69 15.73 -14.56
C GLN A 97 -36.45 14.94 -14.13
N LYS A 98 -36.68 13.86 -13.38
CA LYS A 98 -35.55 13.01 -13.03
C LYS A 98 -36.06 11.59 -12.81
N PHE A 99 -35.12 10.66 -13.00
CA PHE A 99 -35.34 9.24 -12.75
C PHE A 99 -33.95 8.61 -12.61
N TRP A 100 -33.92 7.31 -12.32
CA TRP A 100 -32.69 6.54 -12.28
C TRP A 100 -32.71 5.41 -13.32
N GLY A 101 -31.55 5.17 -13.94
CA GLY A 101 -31.32 3.99 -14.75
C GLY A 101 -30.35 3.04 -14.05
N LEU A 102 -30.85 1.90 -13.60
CA LEU A 102 -30.05 0.98 -12.81
C LEU A 102 -29.66 -0.20 -13.69
N THR A 103 -28.39 -0.63 -13.55
CA THR A 103 -27.91 -1.72 -14.37
C THR A 103 -28.31 -3.03 -13.71
N ARG A 104 -28.85 -3.94 -14.54
CA ARG A 104 -29.49 -5.15 -14.05
C ARG A 104 -28.51 -6.00 -13.23
N SER A 105 -27.26 -6.06 -13.68
CA SER A 105 -26.28 -6.96 -13.08
C SER A 105 -25.82 -6.47 -11.69
N ALA A 106 -26.17 -5.22 -11.31
CA ALA A 106 -25.75 -4.68 -10.03
C ALA A 106 -26.76 -4.97 -8.93
N LEU A 107 -27.92 -5.56 -9.29
CA LEU A 107 -29.06 -5.69 -8.40
C LEU A 107 -29.39 -7.15 -8.15
N LEU A 108 -29.92 -7.40 -6.95
CA LEU A 108 -30.53 -8.66 -6.57
C LEU A 108 -31.94 -8.35 -6.03
N PRO A 109 -32.96 -9.21 -6.27
CA PRO A 109 -32.82 -10.43 -7.08
C PRO A 109 -32.53 -10.13 -8.55
N THR A 110 -32.12 -11.19 -9.25
CA THR A 110 -31.87 -11.13 -10.68
C THR A 110 -33.22 -11.03 -11.41
N ILE A 111 -33.36 -9.99 -12.23
CA ILE A 111 -34.48 -9.87 -13.15
C ILE A 111 -34.08 -10.37 -14.55
N GLU B 3 -12.58 18.71 -15.08
CA GLU B 3 -12.13 18.73 -13.66
C GLU B 3 -11.73 17.32 -13.20
N ARG B 4 -12.19 16.26 -13.90
CA ARG B 4 -12.02 14.88 -13.47
C ARG B 4 -11.53 14.04 -14.65
N PRO B 5 -10.22 14.04 -14.95
CA PRO B 5 -9.70 13.46 -16.18
C PRO B 5 -9.40 11.96 -16.18
N PHE B 6 -9.59 11.27 -15.04
CA PHE B 6 -9.43 9.82 -15.01
C PHE B 6 -10.79 9.14 -15.11
N HIS B 7 -11.01 8.37 -16.18
CA HIS B 7 -12.33 7.90 -16.54
C HIS B 7 -12.42 6.38 -16.51
N CYS B 8 -13.58 5.90 -16.11
CA CYS B 8 -13.91 4.50 -16.18
C CYS B 8 -14.69 4.27 -17.47
N ASN B 9 -14.19 3.39 -18.34
CA ASN B 9 -14.84 3.16 -19.60
C ASN B 9 -15.98 2.16 -19.47
N GLN B 10 -16.18 1.56 -18.28
CA GLN B 10 -17.34 0.71 -18.09
C GLN B 10 -18.61 1.55 -17.85
N CYS B 11 -18.53 2.67 -17.11
CA CYS B 11 -19.73 3.34 -16.62
C CYS B 11 -19.70 4.86 -16.75
N GLY B 12 -18.58 5.45 -17.13
CA GLY B 12 -18.46 6.89 -17.28
C GLY B 12 -18.03 7.63 -16.01
N ALA B 13 -17.84 6.94 -14.90
CA ALA B 13 -17.27 7.52 -13.67
C ALA B 13 -15.94 8.21 -13.97
N SER B 14 -15.77 9.39 -13.38
CA SER B 14 -14.58 10.21 -13.54
C SER B 14 -14.05 10.60 -12.17
N PHE B 15 -12.72 10.75 -12.09
CA PHE B 15 -12.04 11.06 -10.85
C PHE B 15 -10.95 12.10 -11.09
N THR B 16 -10.62 12.81 -10.01
CA THR B 16 -9.51 13.75 -9.93
C THR B 16 -8.21 13.01 -9.62
N GLN B 17 -8.30 11.97 -8.77
CA GLN B 17 -7.14 11.22 -8.31
C GLN B 17 -7.09 9.87 -9.02
N LYS B 18 -5.95 9.55 -9.64
CA LYS B 18 -5.81 8.27 -10.34
C LYS B 18 -6.12 7.13 -9.35
N GLY B 19 -5.72 7.30 -8.08
CA GLY B 19 -5.90 6.26 -7.08
C GLY B 19 -7.37 5.91 -6.83
N ASN B 20 -8.25 6.91 -6.99
CA ASN B 20 -9.66 6.66 -6.80
C ASN B 20 -10.23 5.92 -8.02
N LEU B 21 -9.71 6.21 -9.21
CA LEU B 21 -10.08 5.41 -10.36
C LEU B 21 -9.69 3.94 -10.12
N LEU B 22 -8.47 3.70 -9.60
CA LEU B 22 -8.01 2.34 -9.38
C LEU B 22 -8.95 1.61 -8.42
N ARG B 23 -9.36 2.27 -7.34
CA ARG B 23 -10.27 1.63 -6.40
C ARG B 23 -11.61 1.32 -7.08
N HIS B 24 -12.07 2.26 -7.92
CA HIS B 24 -13.33 2.13 -8.63
C HIS B 24 -13.30 0.94 -9.59
N ILE B 25 -12.22 0.82 -10.37
CA ILE B 25 -12.07 -0.28 -11.31
C ILE B 25 -12.11 -1.61 -10.56
N LYS B 26 -11.41 -1.66 -9.42
CA LYS B 26 -11.35 -2.88 -8.62
C LYS B 26 -12.77 -3.33 -8.26
N LEU B 27 -13.66 -2.38 -7.95
CA LEU B 27 -15.01 -2.71 -7.55
C LEU B 27 -15.84 -3.31 -8.68
N HIS B 28 -15.52 -3.01 -9.93
CA HIS B 28 -16.21 -3.66 -11.05
C HIS B 28 -15.87 -5.16 -11.06
N SER B 29 -14.77 -5.57 -10.39
CA SER B 29 -14.42 -6.98 -10.14
C SER B 29 -14.75 -7.41 -8.71
N SER C 3 -8.74 -4.18 19.85
CA SER C 3 -9.15 -3.15 20.84
C SER C 3 -10.61 -2.78 20.57
N THR C 4 -11.17 -2.05 21.54
CA THR C 4 -12.58 -1.66 21.53
C THR C 4 -12.88 -0.89 20.26
N SER C 5 -13.98 -1.28 19.57
CA SER C 5 -14.48 -0.54 18.43
C SER C 5 -15.27 0.68 18.91
N LEU C 6 -15.10 1.79 18.22
CA LEU C 6 -15.95 2.96 18.40
C LEU C 6 -16.88 3.07 17.19
N SER C 7 -18.18 3.21 17.47
CA SER C 7 -19.24 3.09 16.48
C SER C 7 -20.09 4.35 16.44
N CYS C 8 -20.80 4.54 15.32
CA CYS C 8 -21.74 5.65 15.21
C CYS C 8 -22.84 5.49 16.26
N LYS C 9 -23.07 6.56 17.02
CA LYS C 9 -24.00 6.51 18.13
C LYS C 9 -25.43 6.40 17.63
N GLN C 10 -25.69 7.04 16.48
CA GLN C 10 -27.04 7.15 15.93
C GLN C 10 -27.55 5.81 15.40
N CYS C 11 -26.76 5.13 14.57
CA CYS C 11 -26.97 3.76 14.13
C CYS C 11 -26.72 2.63 15.09
N GLN C 12 -25.71 2.87 15.96
CA GLN C 12 -25.12 1.86 16.81
C GLN C 12 -24.32 0.80 16.04
N GLU C 13 -24.67 0.42 14.81
CA GLU C 13 -24.16 -0.82 14.25
C GLU C 13 -22.90 -0.61 13.41
N THR C 14 -22.60 0.64 13.05
CA THR C 14 -21.50 0.91 12.12
C THR C 14 -20.21 1.24 12.88
N GLU C 15 -19.15 0.43 12.75
CA GLU C 15 -17.85 0.67 13.34
C GLU C 15 -17.11 1.79 12.60
N ILE C 16 -16.54 2.76 13.32
CA ILE C 16 -15.84 3.87 12.70
C ILE C 16 -14.33 3.76 12.94
N THR C 17 -13.90 3.41 14.14
CA THR C 17 -12.49 3.24 14.42
C THR C 17 -12.34 2.30 15.61
N THR C 18 -11.11 2.12 16.06
CA THR C 18 -10.85 1.33 17.27
C THR C 18 -9.90 2.12 18.16
N LYS C 19 -9.87 1.78 19.44
CA LYS C 19 -9.08 2.54 20.39
C LYS C 19 -7.59 2.46 20.04
N ASN C 20 -7.15 1.38 19.36
CA ASN C 20 -5.75 1.28 18.98
C ASN C 20 -5.35 2.33 17.97
N GLU C 21 -6.32 3.05 17.41
CA GLU C 21 -6.00 4.07 16.41
C GLU C 21 -5.68 5.42 17.05
N ILE C 22 -5.95 5.53 18.36
CA ILE C 22 -5.91 6.82 19.04
C ILE C 22 -4.46 7.24 19.20
N PHE C 23 -4.24 8.53 18.95
CA PHE C 23 -2.92 9.10 19.14
C PHE C 23 -3.09 10.57 19.55
N SER C 24 -1.99 11.17 20.02
CA SER C 24 -1.99 12.58 20.35
C SER C 24 -1.31 13.36 19.22
N LEU C 25 -2.12 13.99 18.36
CA LEU C 25 -1.68 15.07 17.50
C LEU C 25 -1.66 16.28 18.42
N SER C 26 -0.47 16.68 18.80
CA SER C 26 -0.29 17.86 19.61
C SER C 26 -0.44 17.45 21.07
N LEU C 27 -0.02 18.42 21.87
CA LEU C 27 0.23 18.25 23.28
C LEU C 27 -1.09 18.20 24.05
N SER C 28 -2.23 18.48 23.40
CA SER C 28 -3.51 18.55 24.11
C SER C 28 -4.12 17.16 24.31
N GLY C 29 -3.29 16.11 24.32
CA GLY C 29 -3.75 14.76 24.58
C GLY C 29 -4.44 14.22 23.34
N PRO C 30 -5.02 13.00 23.37
CA PRO C 30 -5.70 12.48 22.18
C PRO C 30 -7.09 13.10 21.96
N MET C 31 -7.71 13.63 23.02
CA MET C 31 -9.04 14.18 22.92
C MET C 31 -9.07 15.47 23.75
N ALA C 32 -9.48 16.55 23.10
CA ALA C 32 -9.65 17.82 23.79
C ALA C 32 -10.90 18.50 23.25
N ALA C 33 -11.35 19.56 23.94
CA ALA C 33 -12.44 20.39 23.44
C ALA C 33 -11.86 21.43 22.50
N TYR C 34 -12.48 21.57 21.32
CA TYR C 34 -12.14 22.62 20.37
C TYR C 34 -13.37 23.45 20.04
N VAL C 35 -13.12 24.72 19.73
CA VAL C 35 -14.19 25.68 19.50
C VAL C 35 -14.21 26.05 18.02
N ASN C 36 -15.37 25.91 17.40
CA ASN C 36 -15.51 26.24 15.99
C ASN C 36 -15.79 27.74 15.87
N PRO C 37 -15.85 28.29 14.66
CA PRO C 37 -15.94 29.74 14.51
C PRO C 37 -17.26 30.36 14.98
N HIS C 38 -18.26 29.51 15.30
CA HIS C 38 -19.57 29.99 15.71
C HIS C 38 -19.83 29.67 17.18
N GLY C 39 -18.86 29.06 17.86
CA GLY C 39 -18.97 28.83 19.29
C GLY C 39 -19.45 27.42 19.63
N TYR C 40 -19.53 26.54 18.62
CA TYR C 40 -19.83 25.13 18.88
C TYR C 40 -18.55 24.45 19.37
N VAL C 41 -18.69 23.66 20.44
CA VAL C 41 -17.57 23.01 21.06
C VAL C 41 -17.67 21.52 20.76
N HIS C 42 -16.57 21.02 20.24
CA HIS C 42 -16.44 19.65 19.76
C HIS C 42 -15.29 18.98 20.50
N GLU C 43 -15.61 17.97 21.30
CA GLU C 43 -14.57 17.16 21.92
C GLU C 43 -14.11 16.15 20.88
N THR C 44 -12.90 16.43 20.35
CA THR C 44 -12.43 15.80 19.13
C THR C 44 -11.27 14.84 19.46
N LEU C 45 -11.48 13.56 19.17
CA LEU C 45 -10.50 12.51 19.33
C LEU C 45 -9.73 12.29 18.02
N THR C 46 -8.38 12.28 18.09
CA THR C 46 -7.56 12.06 16.90
C THR C 46 -7.17 10.60 16.80
N VAL C 47 -7.50 10.01 15.64
CA VAL C 47 -7.20 8.63 15.30
C VAL C 47 -6.53 8.58 13.93
N TYR C 48 -5.63 7.62 13.74
CA TYR C 48 -4.88 7.54 12.49
C TYR C 48 -5.80 7.11 11.34
N LYS C 49 -6.64 6.11 11.60
CA LYS C 49 -7.46 5.49 10.56
C LYS C 49 -8.90 5.35 11.03
N ALA C 50 -9.84 5.49 10.10
CA ALA C 50 -11.26 5.35 10.38
C ALA C 50 -11.93 4.71 9.18
N SER C 51 -13.03 4.00 9.41
CA SER C 51 -13.77 3.32 8.37
C SER C 51 -15.22 3.80 8.34
N ASN C 52 -15.89 3.53 7.21
CA ASN C 52 -17.34 3.63 7.12
C ASN C 52 -17.80 5.08 7.22
N LEU C 53 -16.96 5.98 6.71
CA LEU C 53 -17.27 7.40 6.69
C LEU C 53 -17.32 7.89 5.25
N ASN C 54 -18.28 8.79 5.00
CA ASN C 54 -18.39 9.47 3.73
CA ASN C 54 -18.41 9.47 3.72
C ASN C 54 -18.03 10.93 3.93
N LEU C 55 -17.34 11.50 2.95
CA LEU C 55 -16.88 12.88 3.03
C LEU C 55 -17.86 13.80 2.32
N ILE C 56 -18.02 15.00 2.88
CA ILE C 56 -18.91 16.01 2.34
C ILE C 56 -18.06 17.21 1.95
N GLY C 57 -18.27 17.70 0.73
CA GLY C 57 -17.62 18.93 0.32
C GLY C 57 -16.15 18.71 0.00
N ARG C 58 -15.46 19.84 -0.17
CA ARG C 58 -14.05 19.86 -0.49
C ARG C 58 -13.30 20.13 0.82
N PRO C 59 -12.00 19.77 0.91
CA PRO C 59 -11.20 20.13 2.07
C PRO C 59 -11.10 21.64 2.22
N SER C 60 -10.99 22.11 3.46
CA SER C 60 -10.75 23.51 3.74
C SER C 60 -9.78 23.64 4.90
N THR C 61 -9.05 24.75 4.93
CA THR C 61 -8.14 25.04 6.03
C THR C 61 -8.72 26.09 6.98
N GLU C 62 -9.94 26.61 6.70
CA GLU C 62 -10.47 27.71 7.49
C GLU C 62 -10.66 27.26 8.95
N HIS C 63 -10.04 27.99 9.90
CA HIS C 63 -10.19 27.73 11.34
C HIS C 63 -9.79 26.30 11.70
N SER C 64 -8.84 25.73 10.92
CA SER C 64 -8.35 24.40 11.26
C SER C 64 -7.79 24.40 12.68
N TRP C 65 -8.15 23.37 13.45
CA TRP C 65 -7.67 23.20 14.81
C TRP C 65 -6.23 22.65 14.82
N PHE C 66 -5.76 22.18 13.67
CA PHE C 66 -4.49 21.49 13.55
C PHE C 66 -3.73 22.15 12.43
N PRO C 67 -2.92 23.19 12.74
CA PRO C 67 -2.25 23.97 11.69
C PRO C 67 -1.46 23.07 10.75
N GLY C 68 -1.57 23.36 9.44
CA GLY C 68 -0.96 22.58 8.39
C GLY C 68 -1.92 21.54 7.80
N TYR C 69 -3.08 21.32 8.45
CA TYR C 69 -4.04 20.35 7.96
C TYR C 69 -5.30 21.06 7.49
N ALA C 70 -5.87 20.50 6.41
CA ALA C 70 -7.20 20.84 5.94
C ALA C 70 -8.19 19.82 6.50
N TRP C 71 -9.45 20.23 6.65
CA TRP C 71 -10.50 19.36 7.16
C TRP C 71 -11.50 19.12 6.03
N THR C 72 -12.10 17.94 6.08
CA THR C 72 -13.24 17.61 5.22
C THR C 72 -14.27 16.94 6.12
N VAL C 73 -15.53 17.42 6.06
CA VAL C 73 -16.54 16.91 6.96
C VAL C 73 -16.77 15.45 6.68
N ALA C 74 -16.96 14.67 7.77
CA ALA C 74 -17.07 13.21 7.65
C ALA C 74 -18.32 12.75 8.36
N GLN C 75 -19.15 11.98 7.65
CA GLN C 75 -20.40 11.44 8.19
C GLN C 75 -20.48 9.93 8.04
N CYS C 76 -21.28 9.34 8.90
CA CYS C 76 -21.56 7.91 8.87
C CYS C 76 -22.14 7.51 7.51
N LYS C 77 -21.60 6.47 6.86
CA LYS C 77 -22.02 6.09 5.52
C LYS C 77 -23.44 5.52 5.57
N ILE C 78 -23.86 5.00 6.73
CA ILE C 78 -25.15 4.37 6.88
C ILE C 78 -26.24 5.40 7.19
N CYS C 79 -26.07 6.25 8.22
CA CYS C 79 -27.18 7.07 8.66
C CYS C 79 -26.96 8.55 8.35
N ALA C 80 -25.78 8.90 7.83
CA ALA C 80 -25.39 10.25 7.44
C ALA C 80 -25.16 11.19 8.62
N SER C 81 -25.20 10.67 9.86
CA SER C 81 -24.96 11.51 11.03
C SER C 81 -23.53 12.06 10.99
N HIS C 82 -23.38 13.34 11.36
CA HIS C 82 -22.06 13.94 11.39
C HIS C 82 -21.20 13.25 12.46
N ILE C 83 -20.01 12.79 12.07
CA ILE C 83 -19.11 12.14 13.03
C ILE C 83 -17.91 13.03 13.34
N GLY C 84 -17.31 13.66 12.35
CA GLY C 84 -16.18 14.52 12.64
C GLY C 84 -15.61 15.04 11.33
N TRP C 85 -14.29 14.94 11.17
CA TRP C 85 -13.58 15.47 10.02
C TRP C 85 -12.36 14.59 9.71
N LYS C 86 -12.09 14.45 8.42
CA LYS C 86 -10.80 13.97 7.94
C LYS C 86 -9.87 15.17 7.83
N PHE C 87 -8.65 14.99 8.32
CA PHE C 87 -7.59 15.98 8.25
C PHE C 87 -6.50 15.50 7.31
N THR C 88 -6.09 16.40 6.40
CA THR C 88 -5.18 16.07 5.34
C THR C 88 -4.15 17.18 5.29
N ALA C 89 -2.88 16.77 5.27
CA ALA C 89 -1.79 17.71 5.32
C ALA C 89 -1.78 18.56 4.07
N THR C 90 -1.45 19.85 4.22
CA THR C 90 -1.31 20.71 3.06
C THR C 90 0.15 20.79 2.61
N LYS C 91 1.07 20.23 3.41
CA LYS C 91 2.50 20.23 3.10
C LYS C 91 3.05 18.83 3.26
N LYS C 92 4.09 18.50 2.48
CA LYS C 92 4.65 17.16 2.49
C LYS C 92 5.51 16.91 3.74
N ASP C 93 5.93 17.96 4.44
CA ASP C 93 6.86 17.80 5.55
C ASP C 93 6.11 17.55 6.86
N MET C 94 4.81 17.25 6.78
CA MET C 94 4.02 16.98 7.96
C MET C 94 3.87 15.48 8.11
N SER C 95 3.71 15.05 9.34
CA SER C 95 3.51 13.65 9.63
C SER C 95 2.57 13.57 10.81
N PRO C 96 1.46 12.80 10.77
CA PRO C 96 1.07 12.02 9.60
C PRO C 96 0.49 12.90 8.50
N GLN C 97 0.41 12.36 7.27
CA GLN C 97 -0.16 13.10 6.16
C GLN C 97 -1.68 13.15 6.24
N LYS C 98 -2.29 12.20 6.97
CA LYS C 98 -3.71 12.27 7.19
C LYS C 98 -4.05 11.57 8.50
N PHE C 99 -5.19 11.98 9.06
CA PHE C 99 -5.77 11.37 10.26
C PHE C 99 -7.23 11.82 10.30
N TRP C 100 -7.98 11.34 11.29
CA TRP C 100 -9.35 11.75 11.53
C TRP C 100 -9.51 12.36 12.91
N GLY C 101 -10.35 13.39 13.00
CA GLY C 101 -10.81 13.95 14.26
C GLY C 101 -12.29 13.66 14.44
N LEU C 102 -12.61 12.75 15.37
CA LEU C 102 -13.97 12.29 15.55
C LEU C 102 -14.54 12.90 16.84
N THR C 103 -15.84 13.24 16.82
CA THR C 103 -16.43 13.93 17.96
C THR C 103 -16.92 12.86 18.91
N ARG C 104 -16.62 13.11 20.18
CA ARG C 104 -16.93 12.17 21.24
C ARG C 104 -18.43 11.88 21.33
N SER C 105 -19.26 12.92 21.13
CA SER C 105 -20.71 12.78 21.29
C SER C 105 -21.33 11.98 20.14
N ALA C 106 -20.58 11.74 19.05
CA ALA C 106 -21.11 11.01 17.90
C ALA C 106 -20.81 9.52 18.00
N LEU C 107 -20.04 9.09 19.02
CA LEU C 107 -19.53 7.73 19.09
C LEU C 107 -20.08 7.01 20.33
N LEU C 108 -20.18 5.68 20.21
CA LEU C 108 -20.34 4.78 21.33
C LEU C 108 -19.24 3.71 21.23
N PRO C 109 -18.66 3.23 22.36
CA PRO C 109 -18.97 3.74 23.69
C PRO C 109 -18.51 5.18 23.90
N THR C 110 -19.03 5.76 24.98
CA THR C 110 -18.63 7.10 25.39
CA THR C 110 -18.64 7.10 25.40
C THR C 110 -17.24 7.01 26.01
N ILE C 111 -16.28 7.73 25.43
CA ILE C 111 -14.89 7.67 25.88
C ILE C 111 -14.53 8.97 26.62
N ARG D 4 -20.30 25.90 -3.55
CA ARG D 4 -21.06 25.43 -2.37
C ARG D 4 -21.24 26.57 -1.36
N PRO D 5 -22.16 27.51 -1.64
CA PRO D 5 -22.29 28.71 -0.81
C PRO D 5 -23.17 28.59 0.43
N PHE D 6 -23.80 27.42 0.66
CA PHE D 6 -24.64 27.23 1.84
C PHE D 6 -23.82 26.45 2.87
N HIS D 7 -23.59 27.04 4.04
CA HIS D 7 -22.67 26.48 5.02
C HIS D 7 -23.38 26.13 6.32
N CYS D 8 -22.91 25.04 6.95
CA CYS D 8 -23.39 24.60 8.24
C CYS D 8 -22.52 25.21 9.32
N ASN D 9 -23.17 25.92 10.24
CA ASN D 9 -22.50 26.62 11.33
C ASN D 9 -21.95 25.66 12.38
N GLN D 10 -22.47 24.43 12.41
CA GLN D 10 -22.02 23.47 13.40
C GLN D 10 -20.72 22.78 13.01
N CYS D 11 -20.53 22.44 11.71
CA CYS D 11 -19.41 21.56 11.34
C CYS D 11 -18.63 22.03 10.11
N GLY D 12 -19.10 23.07 9.42
CA GLY D 12 -18.38 23.60 8.29
C GLY D 12 -18.79 22.98 6.95
N ALA D 13 -19.69 21.97 6.96
CA ALA D 13 -20.19 21.41 5.72
C ALA D 13 -20.79 22.49 4.81
N SER D 14 -20.55 22.37 3.51
CA SER D 14 -21.08 23.29 2.52
C SER D 14 -21.82 22.54 1.42
N PHE D 15 -22.83 23.21 0.86
CA PHE D 15 -23.75 22.61 -0.10
C PHE D 15 -24.03 23.58 -1.24
N THR D 16 -24.35 22.99 -2.40
CA THR D 16 -24.73 23.73 -3.59
C THR D 16 -26.23 24.05 -3.58
N GLN D 17 -27.02 23.11 -3.07
CA GLN D 17 -28.47 23.23 -2.99
C GLN D 17 -28.86 23.57 -1.56
N LYS D 18 -29.66 24.65 -1.38
CA LYS D 18 -30.11 25.05 -0.07
C LYS D 18 -30.80 23.87 0.62
N GLY D 19 -31.53 23.08 -0.16
CA GLY D 19 -32.31 21.98 0.37
C GLY D 19 -31.45 20.91 1.06
N ASN D 20 -30.23 20.74 0.56
CA ASN D 20 -29.32 19.77 1.17
C ASN D 20 -28.74 20.32 2.46
N LEU D 21 -28.55 21.64 2.55
CA LEU D 21 -28.16 22.23 3.82
C LEU D 21 -29.25 21.94 4.84
N LEU D 22 -30.53 22.18 4.46
CA LEU D 22 -31.61 21.99 5.42
C LEU D 22 -31.61 20.55 5.90
N ARG D 23 -31.46 19.57 5.01
CA ARG D 23 -31.47 18.18 5.44
C ARG D 23 -30.31 17.89 6.39
N HIS D 24 -29.15 18.48 6.08
CA HIS D 24 -27.94 18.32 6.89
C HIS D 24 -28.13 18.86 8.29
N ILE D 25 -28.68 20.08 8.40
CA ILE D 25 -28.93 20.71 9.68
C ILE D 25 -29.91 19.87 10.48
N LYS D 26 -30.95 19.32 9.82
CA LYS D 26 -31.93 18.48 10.48
C LYS D 26 -31.23 17.33 11.20
N LEU D 27 -30.20 16.75 10.56
CA LEU D 27 -29.51 15.60 11.12
C LEU D 27 -28.76 15.95 12.39
N HIS D 28 -28.30 17.21 12.53
CA HIS D 28 -27.63 17.61 13.76
C HIS D 28 -28.58 17.57 14.96
N SER D 29 -29.90 17.72 14.73
CA SER D 29 -30.89 17.28 15.71
C SER D 29 -30.92 15.75 15.79
N SER E 3 6.02 6.83 -14.66
CA SER E 3 5.60 7.63 -13.47
C SER E 3 6.81 7.89 -12.58
N THR E 4 6.64 8.75 -11.56
CA THR E 4 7.72 9.17 -10.69
C THR E 4 8.33 7.94 -10.00
N SER E 5 9.67 7.84 -10.05
CA SER E 5 10.40 6.81 -9.33
C SER E 5 10.53 7.20 -7.87
N LEU E 6 10.35 6.24 -6.98
CA LEU E 6 10.64 6.40 -5.57
C LEU E 6 11.90 5.62 -5.22
N SER E 7 12.84 6.31 -4.54
CA SER E 7 14.19 5.82 -4.31
C SER E 7 14.54 5.76 -2.83
N CYS E 8 15.55 4.98 -2.49
CA CYS E 8 16.05 4.97 -1.14
C CYS E 8 16.54 6.36 -0.74
N LYS E 9 16.08 6.85 0.40
CA LYS E 9 16.40 8.21 0.83
C LYS E 9 17.88 8.30 1.21
N GLN E 10 18.42 7.22 1.77
CA GLN E 10 19.77 7.20 2.32
C GLN E 10 20.83 7.27 1.21
N CYS E 11 20.73 6.41 0.20
CA CYS E 11 21.73 6.40 -0.87
C CYS E 11 21.24 7.07 -2.15
N GLN E 12 19.94 7.07 -2.40
CA GLN E 12 19.36 7.63 -3.62
C GLN E 12 20.00 7.00 -4.86
N GLU E 13 20.51 5.77 -4.73
CA GLU E 13 21.18 5.17 -5.85
C GLU E 13 20.23 4.23 -6.58
N THR E 14 19.19 3.80 -5.88
CA THR E 14 18.36 2.76 -6.45
C THR E 14 16.90 3.22 -6.40
N GLU E 15 16.24 3.00 -7.55
CA GLU E 15 14.79 3.02 -7.69
C GLU E 15 14.21 1.79 -6.99
N ILE E 16 13.19 2.02 -6.13
CA ILE E 16 12.56 0.96 -5.37
C ILE E 16 11.18 0.67 -5.98
N THR E 17 10.46 1.73 -6.38
CA THR E 17 9.16 1.54 -7.00
C THR E 17 8.86 2.79 -7.80
N THR E 18 7.65 2.81 -8.38
CA THR E 18 7.14 3.95 -9.08
C THR E 18 5.73 4.23 -8.63
N LYS E 19 5.27 5.46 -8.88
CA LYS E 19 3.95 5.84 -8.42
C LYS E 19 2.86 4.99 -9.07
N ASN E 20 3.11 4.49 -10.29
CA ASN E 20 2.18 3.62 -10.98
C ASN E 20 1.93 2.32 -10.23
N GLU E 21 2.76 2.02 -9.21
CA GLU E 21 2.59 0.76 -8.48
C GLU E 21 1.63 0.93 -7.31
N ILE E 22 1.28 2.16 -6.99
CA ILE E 22 0.60 2.46 -5.74
C ILE E 22 -0.85 2.02 -5.85
N PHE E 23 -1.34 1.38 -4.79
CA PHE E 23 -2.72 0.96 -4.75
C PHE E 23 -3.23 1.01 -3.31
N SER E 24 -4.54 0.90 -3.14
CA SER E 24 -5.15 0.84 -1.82
C SER E 24 -5.46 -0.60 -1.46
N LEU E 25 -4.65 -1.22 -0.59
CA LEU E 25 -4.91 -2.56 -0.10
C LEU E 25 -6.23 -2.60 0.67
N SER E 26 -6.41 -1.63 1.55
CA SER E 26 -7.62 -1.49 2.34
C SER E 26 -8.18 -0.10 2.06
N LEU E 27 -9.30 0.23 2.70
CA LEU E 27 -9.99 1.46 2.36
C LEU E 27 -9.34 2.68 3.02
N SER E 28 -8.25 2.48 3.78
CA SER E 28 -7.53 3.60 4.39
C SER E 28 -6.58 4.28 3.42
N GLY E 29 -6.92 4.26 2.12
CA GLY E 29 -6.16 4.95 1.09
C GLY E 29 -4.90 4.17 0.80
N PRO E 30 -4.02 4.64 -0.11
CA PRO E 30 -2.78 3.92 -0.40
C PRO E 30 -1.68 4.08 0.64
N MET E 31 -1.81 5.12 1.47
CA MET E 31 -0.81 5.39 2.48
C MET E 31 -1.54 5.86 3.74
N ALA E 32 -1.26 5.17 4.85
CA ALA E 32 -1.83 5.56 6.12
C ALA E 32 -0.77 5.36 7.19
N ALA E 33 -1.00 5.93 8.39
CA ALA E 33 -0.16 5.69 9.54
C ALA E 33 -0.57 4.38 10.20
N TYR E 34 0.44 3.55 10.49
CA TYR E 34 0.25 2.33 11.26
C TYR E 34 1.19 2.31 12.46
N VAL E 35 0.74 1.64 13.53
CA VAL E 35 1.50 1.62 14.78
C VAL E 35 2.05 0.22 15.02
N ASN E 36 3.35 0.14 15.28
CA ASN E 36 3.98 -1.16 15.53
C ASN E 36 3.86 -1.46 17.03
N PRO E 37 4.27 -2.68 17.47
CA PRO E 37 4.02 -3.08 18.85
C PRO E 37 4.78 -2.27 19.90
N HIS E 38 5.72 -1.43 19.47
CA HIS E 38 6.61 -0.74 20.38
C HIS E 38 6.42 0.77 20.26
N GLY E 39 5.43 1.21 19.46
CA GLY E 39 5.07 2.61 19.44
C GLY E 39 5.74 3.41 18.33
N TYR E 40 6.39 2.73 17.41
CA TYR E 40 6.86 3.34 16.18
C TYR E 40 5.68 3.44 15.21
N VAL E 41 5.56 4.62 14.59
CA VAL E 41 4.49 4.88 13.66
C VAL E 41 5.14 4.98 12.28
N HIS E 42 4.59 4.16 11.39
CA HIS E 42 5.06 4.02 10.02
C HIS E 42 3.94 4.42 9.07
N GLU E 43 4.16 5.50 8.32
CA GLU E 43 3.30 5.82 7.22
C GLU E 43 3.67 4.92 6.06
N THR E 44 2.79 3.95 5.82
CA THR E 44 3.10 2.80 4.98
C THR E 44 2.31 2.90 3.69
N LEU E 45 3.07 3.02 2.58
CA LEU E 45 2.52 3.07 1.24
C LEU E 45 2.49 1.67 0.64
N THR E 46 1.33 1.25 0.09
CA THR E 46 1.22 -0.08 -0.48
C THR E 46 1.38 -0.01 -1.99
N VAL E 47 2.35 -0.77 -2.49
CA VAL E 47 2.66 -0.88 -3.93
C VAL E 47 2.68 -2.35 -4.33
N TYR E 48 2.28 -2.63 -5.58
CA TYR E 48 2.18 -3.99 -6.04
C TYR E 48 3.58 -4.59 -6.17
N LYS E 49 4.52 -3.82 -6.72
CA LYS E 49 5.87 -4.31 -7.00
C LYS E 49 6.92 -3.32 -6.54
N ALA E 50 8.04 -3.87 -6.08
CA ALA E 50 9.18 -3.10 -5.65
C ALA E 50 10.43 -3.85 -6.07
N SER E 51 11.46 -3.08 -6.38
CA SER E 51 12.71 -3.63 -6.86
C SER E 51 13.84 -3.20 -5.94
N ASN E 52 14.98 -3.91 -6.05
CA ASN E 52 16.23 -3.47 -5.45
C ASN E 52 16.17 -3.54 -3.94
N LEU E 53 15.35 -4.49 -3.45
CA LEU E 53 15.17 -4.73 -2.02
C LEU E 53 15.64 -6.13 -1.69
N ASN E 54 16.23 -6.28 -0.52
CA ASN E 54 16.62 -7.56 0.04
C ASN E 54 15.76 -7.83 1.26
N LEU E 55 15.44 -9.10 1.50
CA LEU E 55 14.62 -9.48 2.63
C LEU E 55 15.51 -9.95 3.79
N ILE E 56 15.08 -9.67 5.02
CA ILE E 56 15.76 -10.04 6.24
C ILE E 56 14.79 -10.86 7.07
N GLY E 57 15.24 -11.97 7.65
CA GLY E 57 14.42 -12.73 8.58
C GLY E 57 13.33 -13.54 7.86
N ARG E 58 12.46 -14.13 8.68
CA ARG E 58 11.42 -15.02 8.22
C ARG E 58 10.11 -14.23 8.16
N PRO E 59 9.15 -14.61 7.30
CA PRO E 59 7.83 -13.98 7.31
C PRO E 59 7.12 -14.20 8.64
N SER E 60 6.33 -13.21 9.05
CA SER E 60 5.54 -13.34 10.28
C SER E 60 4.19 -12.66 10.09
N THR E 61 3.18 -13.19 10.80
CA THR E 61 1.87 -12.56 10.83
C THR E 61 1.65 -11.76 12.12
N GLU E 62 2.62 -11.77 13.04
CA GLU E 62 2.43 -11.09 14.32
C GLU E 62 2.32 -9.58 14.10
N HIS E 63 1.23 -8.98 14.60
CA HIS E 63 0.95 -7.56 14.48
C HIS E 63 0.93 -7.10 13.03
N SER E 64 0.58 -8.01 12.11
CA SER E 64 0.40 -7.61 10.72
C SER E 64 -0.66 -6.52 10.62
N TRP E 65 -0.35 -5.45 9.87
CA TRP E 65 -1.27 -4.37 9.65
C TRP E 65 -2.31 -4.72 8.59
N PHE E 66 -2.08 -5.83 7.88
CA PHE E 66 -2.94 -6.22 6.77
C PHE E 66 -3.37 -7.66 7.01
N PRO E 67 -4.50 -7.87 7.72
CA PRO E 67 -4.92 -9.21 8.09
C PRO E 67 -4.98 -10.14 6.87
N GLY E 68 -4.47 -11.36 7.06
CA GLY E 68 -4.34 -12.33 6.01
C GLY E 68 -2.96 -12.31 5.34
N TYR E 69 -2.14 -11.30 5.65
CA TYR E 69 -0.81 -11.20 5.07
C TYR E 69 0.26 -11.34 6.14
N ALA E 70 1.35 -12.00 5.76
CA ALA E 70 2.57 -12.06 6.54
C ALA E 70 3.53 -10.99 6.02
N TRP E 71 4.35 -10.45 6.93
CA TRP E 71 5.37 -9.47 6.58
C TRP E 71 6.76 -10.10 6.63
N THR E 72 7.66 -9.57 5.78
CA THR E 72 9.07 -9.86 5.84
C THR E 72 9.82 -8.55 5.67
N VAL E 73 10.77 -8.25 6.58
CA VAL E 73 11.47 -6.99 6.57
C VAL E 73 12.24 -6.82 5.28
N ALA E 74 12.21 -5.61 4.72
CA ALA E 74 12.81 -5.35 3.41
C ALA E 74 13.73 -4.14 3.49
N GLN E 75 14.97 -4.29 2.97
CA GLN E 75 15.97 -3.23 2.99
C GLN E 75 16.59 -3.00 1.63
N CYS E 76 17.13 -1.80 1.47
CA CYS E 76 17.82 -1.38 0.26
C CYS E 76 19.01 -2.30 0.00
N LYS E 77 19.12 -2.80 -1.25
CA LYS E 77 20.18 -3.75 -1.58
C LYS E 77 21.55 -3.05 -1.55
N ILE E 78 21.56 -1.72 -1.73
CA ILE E 78 22.79 -0.97 -1.84
C ILE E 78 23.30 -0.56 -0.46
N CYS E 79 22.47 0.10 0.37
CA CYS E 79 23.01 0.66 1.62
C CYS E 79 22.48 -0.08 2.85
N ALA E 80 21.56 -1.02 2.66
CA ALA E 80 20.96 -1.83 3.73
C ALA E 80 19.99 -1.05 4.63
N SER E 81 19.67 0.20 4.28
CA SER E 81 18.68 0.96 5.03
C SER E 81 17.31 0.26 4.99
N HIS E 82 16.61 0.22 6.15
CA HIS E 82 15.27 -0.31 6.20
C HIS E 82 14.33 0.50 5.30
N ILE E 83 13.60 -0.18 4.41
CA ILE E 83 12.65 0.49 3.53
C ILE E 83 11.20 0.12 3.89
N GLY E 84 10.92 -1.15 4.18
CA GLY E 84 9.56 -1.47 4.55
C GLY E 84 9.44 -2.96 4.78
N TRP E 85 8.41 -3.56 4.18
CA TRP E 85 8.12 -4.97 4.32
C TRP E 85 7.48 -5.49 3.04
N LYS E 86 7.81 -6.72 2.71
CA LYS E 86 7.05 -7.50 1.75
C LYS E 86 5.92 -8.20 2.48
N PHE E 87 4.71 -8.13 1.89
CA PHE E 87 3.54 -8.80 2.42
C PHE E 87 3.10 -9.92 1.49
N THR E 88 2.79 -11.08 2.07
CA THR E 88 2.53 -12.30 1.34
C THR E 88 1.31 -12.94 1.97
N ALA E 89 0.35 -13.29 1.10
CA ALA E 89 -0.92 -13.80 1.55
C ALA E 89 -0.74 -15.14 2.26
N THR E 90 -1.55 -15.39 3.28
CA THR E 90 -1.55 -16.67 3.96
C THR E 90 -2.65 -17.59 3.43
N LYS E 91 -3.51 -17.06 2.57
CA LYS E 91 -4.66 -17.79 2.03
C LYS E 91 -4.72 -17.58 0.53
N LYS E 92 -5.25 -18.57 -0.19
CA LYS E 92 -5.29 -18.49 -1.66
C LYS E 92 -6.40 -17.55 -2.13
N ASP E 93 -7.40 -17.26 -1.27
CA ASP E 93 -8.57 -16.53 -1.70
C ASP E 93 -8.34 -15.02 -1.61
N MET E 94 -7.09 -14.59 -1.43
CA MET E 94 -6.77 -13.19 -1.28
C MET E 94 -6.20 -12.69 -2.59
N SER E 95 -6.38 -11.40 -2.81
CA SER E 95 -5.80 -10.76 -3.95
C SER E 95 -5.44 -9.33 -3.52
N PRO E 96 -4.21 -8.82 -3.76
CA PRO E 96 -3.13 -9.57 -4.40
C PRO E 96 -2.53 -10.63 -3.48
N GLN E 97 -1.80 -11.59 -4.07
CA GLN E 97 -1.13 -12.60 -3.25
C GLN E 97 0.14 -12.02 -2.62
N LYS E 98 0.71 -10.96 -3.22
CA LYS E 98 1.80 -10.28 -2.55
C LYS E 98 1.81 -8.82 -2.99
N PHE E 99 2.40 -8.01 -2.13
CA PHE E 99 2.61 -6.58 -2.36
C PHE E 99 3.71 -6.15 -1.40
N TRP E 100 4.11 -4.87 -1.47
CA TRP E 100 5.06 -4.27 -0.55
C TRP E 100 4.42 -3.08 0.19
N GLY E 101 4.76 -2.94 1.47
CA GLY E 101 4.45 -1.77 2.27
C GLY E 101 5.72 -1.00 2.58
N LEU E 102 5.87 0.18 1.98
CA LEU E 102 7.10 0.95 2.09
C LEU E 102 6.85 2.14 3.01
N THR E 103 7.84 2.41 3.89
CA THR E 103 7.70 3.46 4.87
C THR E 103 8.07 4.77 4.20
N ARG E 104 7.22 5.77 4.41
CA ARG E 104 7.30 7.03 3.70
C ARG E 104 8.65 7.71 3.95
N SER E 105 9.14 7.63 5.19
CA SER E 105 10.34 8.35 5.57
C SER E 105 11.60 7.72 4.98
N ALA E 106 11.50 6.50 4.40
CA ALA E 106 12.65 5.83 3.82
C ALA E 106 12.82 6.16 2.34
N LEU E 107 11.88 6.92 1.75
CA LEU E 107 11.84 7.14 0.32
C LEU E 107 12.01 8.61 -0.01
N LEU E 108 12.62 8.85 -1.17
CA LEU E 108 12.59 10.15 -1.83
C LEU E 108 12.07 9.95 -3.26
N PRO E 109 11.28 10.89 -3.83
CA PRO E 109 10.84 12.10 -3.12
C PRO E 109 9.86 11.79 -1.99
N THR E 110 9.63 12.81 -1.14
CA THR E 110 8.66 12.70 -0.08
C THR E 110 7.25 12.85 -0.69
N ILE E 111 6.41 11.81 -0.57
CA ILE E 111 5.09 11.84 -1.18
C ILE E 111 4.02 11.98 -0.09
N ARG F 4 13.73 -16.31 16.66
CA ARG F 4 15.07 -15.69 16.86
C ARG F 4 15.10 -14.93 18.18
N PRO F 5 16.30 -14.74 18.76
CA PRO F 5 16.41 -14.04 20.04
C PRO F 5 16.46 -12.52 19.92
N PHE F 6 17.03 -11.95 18.84
CA PHE F 6 17.30 -10.52 18.83
C PHE F 6 16.36 -9.86 17.85
N HIS F 7 15.56 -8.91 18.34
CA HIS F 7 14.58 -8.21 17.51
C HIS F 7 14.88 -6.72 17.48
N CYS F 8 14.60 -6.12 16.33
CA CYS F 8 14.58 -4.68 16.17
C CYS F 8 13.18 -4.18 16.47
N ASN F 9 13.09 -3.26 17.45
CA ASN F 9 11.79 -2.77 17.88
C ASN F 9 11.21 -1.77 16.90
N GLN F 10 12.03 -1.26 15.96
CA GLN F 10 11.57 -0.30 14.97
C GLN F 10 10.81 -0.99 13.84
N CYS F 11 11.25 -2.16 13.36
CA CYS F 11 10.75 -2.71 12.11
C CYS F 11 10.46 -4.22 12.15
N GLY F 12 10.83 -4.89 13.24
CA GLY F 12 10.54 -6.30 13.40
C GLY F 12 11.65 -7.22 12.87
N ALA F 13 12.69 -6.68 12.26
CA ALA F 13 13.87 -7.45 11.87
C ALA F 13 14.39 -8.29 13.05
N SER F 14 14.76 -9.54 12.72
CA SER F 14 15.20 -10.51 13.72
C SER F 14 16.56 -11.08 13.32
N PHE F 15 17.36 -11.40 14.34
CA PHE F 15 18.74 -11.82 14.15
C PHE F 15 19.07 -12.96 15.10
N THR F 16 19.99 -13.82 14.65
CA THR F 16 20.61 -14.86 15.46
C THR F 16 21.78 -14.29 16.27
N GLN F 17 22.53 -13.36 15.64
CA GLN F 17 23.75 -12.80 16.19
C GLN F 17 23.46 -11.40 16.71
N LYS F 18 23.77 -11.14 17.98
CA LYS F 18 23.56 -9.84 18.57
C LYS F 18 24.29 -8.79 17.73
N GLY F 19 25.47 -9.14 17.21
CA GLY F 19 26.28 -8.20 16.45
C GLY F 19 25.57 -7.67 15.20
N ASN F 20 24.74 -8.52 14.61
CA ASN F 20 24.01 -8.12 13.41
C ASN F 20 22.84 -7.22 13.77
N LEU F 21 22.22 -7.45 14.94
CA LEU F 21 21.24 -6.51 15.46
C LEU F 21 21.89 -5.14 15.60
N LEU F 22 23.09 -5.08 16.21
CA LEU F 22 23.72 -3.79 16.46
C LEU F 22 23.96 -3.07 15.15
N ARG F 23 24.45 -3.77 14.12
CA ARG F 23 24.70 -3.11 12.83
C ARG F 23 23.40 -2.58 12.25
N HIS F 24 22.33 -3.37 12.41
CA HIS F 24 21.01 -3.03 11.89
C HIS F 24 20.47 -1.76 12.57
N ILE F 25 20.56 -1.71 13.89
CA ILE F 25 20.11 -0.55 14.66
C ILE F 25 20.89 0.68 14.25
N LYS F 26 22.19 0.55 14.02
CA LYS F 26 23.01 1.67 13.58
C LYS F 26 22.44 2.29 12.32
N LEU F 27 21.94 1.45 11.39
CA LEU F 27 21.41 1.93 10.12
C LEU F 27 20.14 2.76 10.30
N HIS F 28 19.35 2.50 11.36
CA HIS F 28 18.17 3.31 11.61
C HIS F 28 18.56 4.75 11.97
N SER F 29 19.77 4.96 12.50
CA SER F 29 20.38 6.29 12.49
C SER F 29 21.16 6.47 11.18
N THR G 4 45.20 -0.95 -6.46
CA THR G 4 44.28 -1.24 -7.59
C THR G 4 43.02 -1.88 -7.03
N SER G 5 41.89 -1.29 -7.42
CA SER G 5 40.57 -1.79 -7.07
C SER G 5 40.18 -2.90 -8.05
N LEU G 6 39.55 -3.94 -7.52
CA LEU G 6 38.92 -4.99 -8.32
C LEU G 6 37.39 -4.86 -8.20
N SER G 7 36.68 -4.94 -9.35
CA SER G 7 35.25 -4.69 -9.44
C SER G 7 34.49 -5.88 -10.05
N CYS G 8 33.17 -5.87 -9.85
CA CYS G 8 32.32 -6.92 -10.42
C CYS G 8 32.42 -6.82 -11.95
N LYS G 9 32.74 -7.93 -12.61
CA LYS G 9 32.92 -7.92 -14.04
C LYS G 9 31.56 -7.84 -14.72
N GLN G 10 30.51 -8.39 -14.11
CA GLN G 10 29.20 -8.48 -14.73
C GLN G 10 28.54 -7.11 -14.82
N CYS G 11 28.43 -6.41 -13.68
CA CYS G 11 27.71 -5.13 -13.69
C CYS G 11 28.70 -3.98 -13.82
N GLN G 12 29.93 -4.19 -13.32
CA GLN G 12 30.99 -3.19 -13.38
C GLN G 12 30.57 -1.92 -12.63
N GLU G 13 29.77 -2.12 -11.56
CA GLU G 13 29.16 -1.00 -10.86
C GLU G 13 29.70 -0.87 -9.44
N THR G 14 30.34 -1.91 -8.91
CA THR G 14 30.79 -1.90 -7.53
C THR G 14 32.19 -2.52 -7.42
N GLU G 15 32.99 -1.89 -6.56
CA GLU G 15 34.28 -2.34 -6.10
C GLU G 15 34.11 -3.46 -5.09
N ILE G 16 34.90 -4.53 -5.23
CA ILE G 16 34.81 -5.69 -4.36
C ILE G 16 36.02 -5.75 -3.42
N THR G 17 37.23 -5.50 -3.93
CA THR G 17 38.40 -5.56 -3.07
C THR G 17 39.51 -4.73 -3.72
N THR G 18 40.68 -4.73 -3.06
CA THR G 18 41.85 -4.09 -3.61
C THR G 18 43.03 -5.06 -3.54
N LYS G 19 44.03 -4.82 -4.37
CA LYS G 19 45.17 -5.71 -4.46
C LYS G 19 45.92 -5.77 -3.14
N ASN G 20 45.83 -4.71 -2.32
CA ASN G 20 46.46 -4.66 -1.01
C ASN G 20 45.89 -5.73 -0.10
N GLU G 21 44.74 -6.32 -0.46
CA GLU G 21 44.09 -7.31 0.40
C GLU G 21 44.61 -8.72 0.14
N ILE G 22 45.39 -8.89 -0.93
CA ILE G 22 45.74 -10.21 -1.42
C ILE G 22 46.78 -10.80 -0.49
N PHE G 23 46.58 -12.08 -0.17
CA PHE G 23 47.55 -12.82 0.59
C PHE G 23 47.57 -14.27 0.11
N SER G 24 48.57 -15.05 0.55
CA SER G 24 48.62 -16.47 0.28
C SER G 24 48.14 -17.24 1.51
N LEU G 25 46.89 -17.75 1.46
CA LEU G 25 46.35 -18.56 2.55
C LEU G 25 47.17 -19.82 2.73
N SER G 26 47.47 -20.47 1.60
CA SER G 26 48.24 -21.70 1.59
C SER G 26 49.40 -21.47 0.63
N LEU G 27 50.19 -22.52 0.45
CA LEU G 27 51.45 -22.44 -0.27
C LEU G 27 51.21 -22.38 -1.79
N SER G 28 49.96 -22.47 -2.24
CA SER G 28 49.66 -22.43 -3.66
C SER G 28 49.56 -20.99 -4.19
N GLY G 29 50.28 -20.05 -3.54
CA GLY G 29 50.31 -18.67 -4.00
C GLY G 29 49.00 -17.98 -3.66
N PRO G 30 48.79 -16.69 -4.03
CA PRO G 30 47.53 -16.02 -3.69
C PRO G 30 46.37 -16.41 -4.60
N MET G 31 46.66 -16.93 -5.79
CA MET G 31 45.64 -17.32 -6.73
C MET G 31 46.05 -18.63 -7.38
N ALA G 32 45.18 -19.62 -7.28
CA ALA G 32 45.39 -20.90 -7.95
C ALA G 32 44.08 -21.39 -8.53
N ALA G 33 44.17 -22.44 -9.37
CA ALA G 33 42.98 -23.09 -9.89
C ALA G 33 42.53 -24.14 -8.89
N TYR G 34 41.23 -24.15 -8.58
CA TYR G 34 40.65 -25.19 -7.75
C TYR G 34 39.46 -25.83 -8.49
N VAL G 35 39.20 -27.10 -8.16
CA VAL G 35 38.19 -27.88 -8.85
C VAL G 35 37.05 -28.16 -7.88
N ASN G 36 35.83 -27.85 -8.32
CA ASN G 36 34.66 -28.10 -7.48
C ASN G 36 34.18 -29.54 -7.69
N PRO G 37 33.17 -30.01 -6.94
CA PRO G 37 32.79 -31.42 -6.99
C PRO G 37 32.21 -31.88 -8.34
N HIS G 38 31.90 -30.93 -9.22
CA HIS G 38 31.28 -31.25 -10.50
C HIS G 38 32.22 -30.96 -11.66
N GLY G 39 33.44 -30.53 -11.37
CA GLY G 39 34.43 -30.34 -12.41
C GLY G 39 34.54 -28.91 -12.92
N TYR G 40 33.87 -27.97 -12.24
CA TYR G 40 34.04 -26.56 -12.54
C TYR G 40 35.32 -26.06 -11.88
N VAL G 41 36.12 -25.32 -12.66
CA VAL G 41 37.40 -24.84 -12.22
C VAL G 41 37.31 -23.34 -11.97
N HIS G 42 37.73 -22.99 -10.75
CA HIS G 42 37.67 -21.64 -10.24
C HIS G 42 39.08 -21.18 -9.86
N GLU G 43 39.59 -20.20 -10.59
CA GLU G 43 40.82 -19.55 -10.22
C GLU G 43 40.51 -18.55 -9.12
N THR G 44 40.91 -18.91 -7.91
CA THR G 44 40.40 -18.29 -6.70
C THR G 44 41.53 -17.52 -6.02
N LEU G 45 41.33 -16.20 -5.92
CA LEU G 45 42.23 -15.27 -5.26
C LEU G 45 41.79 -15.07 -3.80
N THR G 46 42.75 -15.21 -2.87
CA THR G 46 42.45 -15.06 -1.45
C THR G 46 42.80 -13.65 -1.00
N VAL G 47 41.81 -12.97 -0.43
CA VAL G 47 41.92 -11.62 0.08
C VAL G 47 41.37 -11.58 1.50
N TYR G 48 41.95 -10.73 2.34
CA TYR G 48 41.56 -10.66 3.73
C TYR G 48 40.16 -10.07 3.84
N LYS G 49 39.92 -8.98 3.10
CA LYS G 49 38.67 -8.23 3.21
C LYS G 49 38.09 -7.94 1.83
N ALA G 50 36.75 -7.91 1.76
CA ALA G 50 36.04 -7.60 0.53
C ALA G 50 34.80 -6.82 0.90
N SER G 51 34.27 -6.05 -0.06
CA SER G 51 33.10 -5.23 0.17
C SER G 51 32.05 -5.55 -0.89
N ASN G 52 30.81 -5.14 -0.58
CA ASN G 52 29.74 -5.04 -1.58
C ASN G 52 29.31 -6.42 -2.06
N LEU G 53 29.42 -7.39 -1.15
CA LEU G 53 29.06 -8.78 -1.41
C LEU G 53 27.95 -9.18 -0.45
N ASN G 54 27.03 -10.00 -0.98
CA ASN G 54 25.94 -10.57 -0.21
C ASN G 54 26.15 -12.07 -0.14
N LEU G 55 25.79 -12.68 0.98
CA LEU G 55 25.96 -14.11 1.17
C LEU G 55 24.65 -14.82 0.87
N ILE G 56 24.75 -16.01 0.27
CA ILE G 56 23.64 -16.86 -0.09
C ILE G 56 23.83 -18.20 0.60
N GLY G 57 22.77 -18.74 1.21
CA GLY G 57 22.85 -20.08 1.75
C GLY G 57 23.66 -20.15 3.04
N ARG G 58 23.87 -21.36 3.53
CA ARG G 58 24.50 -21.59 4.82
C ARG G 58 25.98 -21.93 4.61
N PRO G 59 26.87 -21.64 5.59
CA PRO G 59 28.26 -22.05 5.50
C PRO G 59 28.39 -23.57 5.46
N SER G 60 29.39 -24.06 4.73
CA SER G 60 29.63 -25.48 4.63
C SER G 60 31.13 -25.75 4.48
N THR G 61 31.59 -26.89 4.98
CA THR G 61 32.96 -27.30 4.77
C THR G 61 33.04 -28.40 3.70
N GLU G 62 31.94 -28.77 3.06
CA GLU G 62 31.97 -29.82 2.05
C GLU G 62 32.87 -29.42 0.88
N HIS G 63 33.87 -30.26 0.58
CA HIS G 63 34.82 -30.03 -0.52
C HIS G 63 35.55 -28.70 -0.36
N SER G 64 35.73 -28.24 0.89
CA SER G 64 36.43 -26.98 1.11
C SER G 64 37.84 -27.08 0.56
N TRP G 65 38.25 -26.05 -0.18
CA TRP G 65 39.58 -25.97 -0.75
C TRP G 65 40.62 -25.56 0.30
N PHE G 66 40.13 -25.10 1.46
CA PHE G 66 40.98 -24.56 2.51
C PHE G 66 40.58 -25.28 3.79
N PRO G 67 41.22 -26.43 4.09
CA PRO G 67 40.75 -27.28 5.19
C PRO G 67 40.67 -26.49 6.49
N GLY G 68 39.56 -26.72 7.22
CA GLY G 68 39.28 -26.02 8.46
C GLY G 68 38.43 -24.76 8.26
N TYR G 69 38.20 -24.38 6.99
CA TYR G 69 37.34 -23.26 6.68
C TYR G 69 36.06 -23.75 6.02
N ALA G 70 34.98 -23.08 6.41
CA ALA G 70 33.70 -23.22 5.78
C ALA G 70 33.58 -22.13 4.72
N TRP G 71 32.90 -22.46 3.61
CA TRP G 71 32.56 -21.49 2.59
C TRP G 71 31.10 -21.09 2.71
N THR G 72 30.84 -19.84 2.32
CA THR G 72 29.49 -19.36 2.10
C THR G 72 29.50 -18.63 0.75
N VAL G 73 28.53 -18.94 -0.12
CA VAL G 73 28.53 -18.35 -1.45
C VAL G 73 28.38 -16.85 -1.36
N ALA G 74 29.13 -16.14 -2.20
CA ALA G 74 29.17 -14.68 -2.13
C ALA G 74 28.91 -14.09 -3.51
N GLN G 75 27.96 -13.15 -3.55
CA GLN G 75 27.52 -12.56 -4.80
C GLN G 75 27.51 -11.03 -4.71
N CYS G 76 27.60 -10.43 -5.89
CA CYS G 76 27.55 -8.98 -6.02
C CYS G 76 26.24 -8.43 -5.47
N LYS G 77 26.32 -7.39 -4.63
CA LYS G 77 25.12 -6.83 -4.01
C LYS G 77 24.24 -6.15 -5.05
N ILE G 78 24.81 -5.73 -6.18
CA ILE G 78 24.07 -5.04 -7.21
C ILE G 78 23.40 -6.03 -8.17
N CYS G 79 24.17 -6.94 -8.80
CA CYS G 79 23.62 -7.72 -9.91
C CYS G 79 23.40 -9.18 -9.55
N ALA G 80 23.82 -9.58 -8.34
CA ALA G 80 23.69 -10.93 -7.81
C ALA G 80 24.58 -11.95 -8.51
N SER G 81 25.50 -11.50 -9.36
CA SER G 81 26.43 -12.43 -10.01
C SER G 81 27.31 -13.09 -8.97
N HIS G 82 27.58 -14.38 -9.19
CA HIS G 82 28.51 -15.11 -8.36
C HIS G 82 29.91 -14.51 -8.43
N ILE G 83 30.48 -14.15 -7.27
CA ILE G 83 31.84 -13.62 -7.20
C ILE G 83 32.80 -14.62 -6.56
N GLY G 84 32.38 -15.29 -5.49
CA GLY G 84 33.28 -16.28 -4.90
C GLY G 84 32.61 -16.84 -3.65
N TRP G 85 33.39 -16.87 -2.58
CA TRP G 85 32.95 -17.41 -1.31
C TRP G 85 33.66 -16.66 -0.18
N LYS G 86 32.92 -16.48 0.91
CA LYS G 86 33.51 -16.14 2.20
C LYS G 86 33.93 -17.41 2.89
N PHE G 87 35.15 -17.40 3.45
CA PHE G 87 35.68 -18.54 4.20
C PHE G 87 35.81 -18.15 5.68
N THR G 88 35.33 -19.03 6.54
CA THR G 88 35.20 -18.78 7.96
C THR G 88 35.72 -20.01 8.69
N ALA G 89 36.60 -19.79 9.64
CA ALA G 89 37.27 -20.87 10.33
C ALA G 89 36.26 -21.66 11.16
N THR G 90 36.42 -22.97 11.23
CA THR G 90 35.57 -23.80 12.07
C THR G 90 36.24 -24.13 13.39
N LYS G 91 37.48 -23.69 13.57
CA LYS G 91 38.21 -23.84 14.83
C LYS G 91 38.81 -22.50 15.24
N LYS G 92 38.93 -22.26 16.56
CA LYS G 92 39.40 -20.97 17.03
C LYS G 92 40.92 -20.83 16.91
N ASP G 93 41.65 -21.95 16.73
CA ASP G 93 43.10 -21.91 16.73
C ASP G 93 43.63 -21.63 15.32
N MET G 94 42.76 -21.22 14.40
CA MET G 94 43.16 -20.92 13.04
C MET G 94 43.31 -19.42 12.87
N SER G 95 44.13 -19.03 11.92
CA SER G 95 44.34 -17.63 11.64
C SER G 95 44.62 -17.51 10.15
N PRO G 96 43.94 -16.63 9.37
CA PRO G 96 42.90 -15.74 9.90
C PRO G 96 41.59 -16.49 10.19
N GLN G 97 40.70 -15.86 10.95
CA GLN G 97 39.41 -16.48 11.26
C GLN G 97 38.48 -16.38 10.06
N LYS G 98 38.70 -15.38 9.19
CA LYS G 98 37.91 -15.29 7.97
C LYS G 98 38.73 -14.60 6.89
N PHE G 99 38.34 -14.86 5.66
CA PHE G 99 38.89 -14.25 4.44
C PHE G 99 37.89 -14.53 3.33
N TRP G 100 38.17 -14.01 2.12
CA TRP G 100 37.37 -14.28 0.94
C TRP G 100 38.22 -14.95 -0.15
N GLY G 101 37.59 -15.88 -0.88
CA GLY G 101 38.13 -16.43 -2.10
C GLY G 101 37.29 -15.97 -3.29
N LEU G 102 37.87 -15.09 -4.09
CA LEU G 102 37.13 -14.48 -5.19
C LEU G 102 37.62 -15.08 -6.51
N THR G 103 36.69 -15.31 -7.43
CA THR G 103 37.04 -15.96 -8.67
C THR G 103 37.53 -14.90 -9.65
N ARG G 104 38.60 -15.25 -10.34
CA ARG G 104 39.27 -14.35 -11.24
C ARG G 104 38.34 -13.91 -12.37
N SER G 105 37.51 -14.83 -12.86
CA SER G 105 36.65 -14.52 -14.01
C SER G 105 35.49 -13.60 -13.63
N ALA G 106 35.27 -13.38 -12.33
CA ALA G 106 34.15 -12.55 -11.87
C ALA G 106 34.61 -11.12 -11.64
N LEU G 107 35.94 -10.85 -11.75
CA LEU G 107 36.50 -9.55 -11.41
C LEU G 107 37.10 -8.86 -12.63
N LEU G 108 37.07 -7.53 -12.60
CA LEU G 108 37.77 -6.66 -13.54
C LEU G 108 38.59 -5.66 -12.71
N PRO G 109 39.84 -5.32 -13.10
CA PRO G 109 40.52 -5.91 -14.25
C PRO G 109 40.85 -7.38 -14.07
N THR G 110 41.27 -8.02 -15.16
CA THR G 110 41.79 -9.38 -15.13
C THR G 110 43.16 -9.42 -14.47
N ILE G 111 43.29 -10.26 -13.43
CA ILE G 111 44.52 -10.36 -12.67
C ILE G 111 45.29 -11.63 -13.07
N GLU H 3 14.85 -26.59 3.52
CA GLU H 3 14.43 -25.21 3.25
C GLU H 3 15.05 -24.74 1.94
N ARG H 4 16.25 -25.28 1.57
CA ARG H 4 16.97 -24.84 0.36
C ARG H 4 17.40 -26.04 -0.48
N PRO H 5 16.44 -26.75 -1.12
CA PRO H 5 16.76 -28.01 -1.80
C PRO H 5 17.23 -27.87 -3.25
N PHE H 6 17.25 -26.66 -3.80
CA PHE H 6 17.72 -26.44 -5.17
C PHE H 6 19.15 -25.93 -5.12
N HIS H 7 20.09 -26.68 -5.73
CA HIS H 7 21.51 -26.35 -5.65
C HIS H 7 22.10 -26.03 -7.02
N CYS H 8 23.04 -25.11 -7.01
CA CYS H 8 23.83 -24.79 -8.17
C CYS H 8 25.10 -25.62 -8.17
N ASN H 9 25.29 -26.37 -9.25
CA ASN H 9 26.43 -27.23 -9.49
C ASN H 9 27.74 -26.45 -9.67
N GLN H 10 27.63 -25.18 -10.08
CA GLN H 10 28.82 -24.41 -10.39
C GLN H 10 29.46 -23.83 -9.13
N CYS H 11 28.69 -23.41 -8.11
CA CYS H 11 29.27 -22.65 -6.99
C CYS H 11 28.77 -23.11 -5.62
N GLY H 12 27.77 -23.97 -5.57
CA GLY H 12 27.26 -24.47 -4.30
C GLY H 12 26.11 -23.64 -3.73
N ALA H 13 25.72 -22.54 -4.38
CA ALA H 13 24.53 -21.78 -4.00
C ALA H 13 23.30 -22.70 -3.88
N SER H 14 22.50 -22.44 -2.84
CA SER H 14 21.24 -23.14 -2.62
C SER H 14 20.08 -22.14 -2.53
N PHE H 15 18.91 -22.62 -2.97
CA PHE H 15 17.72 -21.79 -3.01
C PHE H 15 16.54 -22.58 -2.48
N THR H 16 15.58 -21.81 -1.96
CA THR H 16 14.27 -22.30 -1.54
C THR H 16 13.32 -22.39 -2.74
N GLN H 17 13.42 -21.40 -3.63
CA GLN H 17 12.53 -21.25 -4.77
C GLN H 17 13.24 -21.71 -6.04
N LYS H 18 12.63 -22.65 -6.77
CA LYS H 18 13.19 -23.15 -8.00
C LYS H 18 13.52 -21.99 -8.93
N GLY H 19 12.61 -21.01 -8.96
CA GLY H 19 12.74 -19.88 -9.88
C GLY H 19 14.01 -19.06 -9.64
N ASN H 20 14.45 -19.01 -8.39
CA ASN H 20 15.66 -18.26 -8.07
C ASN H 20 16.89 -19.06 -8.47
N LEU H 21 16.84 -20.39 -8.39
CA LEU H 21 17.90 -21.20 -8.95
C LEU H 21 18.03 -20.90 -10.44
N LEU H 22 16.88 -20.88 -11.15
CA LEU H 22 16.93 -20.69 -12.59
C LEU H 22 17.59 -19.35 -12.91
N ARG H 23 17.20 -18.30 -12.21
CA ARG H 23 17.76 -16.98 -12.46
C ARG H 23 19.27 -16.99 -12.17
N HIS H 24 19.66 -17.69 -11.11
CA HIS H 24 21.06 -17.77 -10.68
C HIS H 24 21.91 -18.46 -11.74
N ILE H 25 21.42 -19.59 -12.24
CA ILE H 25 22.13 -20.35 -13.26
C ILE H 25 22.28 -19.48 -14.51
N LYS H 26 21.22 -18.76 -14.87
CA LYS H 26 21.27 -17.87 -16.04
C LYS H 26 22.43 -16.89 -15.91
N LEU H 27 22.65 -16.35 -14.70
CA LEU H 27 23.71 -15.36 -14.48
C LEU H 27 25.10 -15.95 -14.71
N HIS H 28 25.28 -17.25 -14.47
CA HIS H 28 26.57 -17.87 -14.77
C HIS H 28 26.86 -17.84 -16.29
O3 A1A8N I . -26.95 7.33 -20.65
C25 A1A8N I . -25.82 6.83 -20.52
N2 A1A8N I . -25.08 6.42 -21.59
C A1A8N I . -23.83 5.96 -21.49
O A1A8N I . -23.26 5.59 -22.49
C3 A1A8N I . -25.25 6.62 -19.14
C2 A1A8N I . -23.77 6.88 -19.13
C1 A1A8N I . -23.14 5.90 -20.11
N A1A8N I . -21.70 6.15 -20.25
C5 A1A8N I . -21.27 7.44 -20.79
C6 A1A8N I . -19.82 7.19 -20.82
C11 A1A8N I . -18.74 8.08 -21.23
O2 A1A8N I . -18.76 9.39 -21.68
C12 A1A8N I . -17.41 9.91 -21.57
C13 A1A8N I . -16.46 8.69 -21.65
C10 A1A8N I . -17.37 7.57 -21.17
C9 A1A8N I . -17.07 6.29 -20.74
C8 A1A8N I . -18.07 5.41 -20.35
C7 A1A8N I . -19.40 5.86 -20.37
C4 A1A8N I . -20.70 5.28 -20.07
O1 A1A8N I . -20.82 4.06 -19.61
C16 A1A8N I . -16.02 8.43 -23.08
C17 A1A8N I . -15.12 9.52 -23.65
N1 A1A8N I . -13.93 9.72 -22.80
C15 A1A8N I . -14.36 9.99 -21.43
C14 A1A8N I . -15.20 8.83 -20.84
C18 A1A8N I . -13.16 10.87 -23.36
C19 A1A8N I . -11.83 10.96 -22.64
C24 A1A8N I . -10.89 9.90 -22.72
C23 A1A8N I . -9.66 9.98 -22.04
C22 A1A8N I . -9.36 11.11 -21.26
C21 A1A8N I . -10.29 12.16 -21.17
C20 A1A8N I . -11.52 12.07 -21.85
ZN ZN J . -23.53 -2.12 -1.89
ZN ZN K . -17.04 2.28 -13.70
O3 A1A8N L . -10.38 21.86 12.36
C25 A1A8N L . -11.55 22.22 12.31
N2 A1A8N L . -11.91 23.39 12.85
C A1A8N L . -13.17 23.86 12.83
O A1A8N L . -13.45 24.89 13.45
C3 A1A8N L . -12.59 21.32 11.68
C2 A1A8N L . -13.80 22.07 11.14
C1 A1A8N L . -14.30 23.09 12.12
N A1A8N L . -15.21 24.06 11.47
C5 A1A8N L . -14.63 25.00 10.48
C6 A1A8N L . -15.86 25.75 10.25
C11 A1A8N L . -16.10 26.81 9.31
O2 A1A8N L . -15.20 27.37 8.49
C12 A1A8N L . -15.86 28.31 7.58
C13 A1A8N L . -17.23 28.54 8.16
C10 A1A8N L . -17.38 27.41 9.16
C9 A1A8N L . -18.43 27.00 9.90
C8 A1A8N L . -18.30 25.94 10.81
C7 A1A8N L . -17.06 25.32 10.95
C4 A1A8N L . -16.49 24.27 11.80
O1 A1A8N L . -17.16 23.49 12.67
C16 A1A8N L . -17.24 29.80 8.97
C17 A1A8N L . -17.15 31.07 8.13
N1 A1A8N L . -18.26 31.12 7.17
C15 A1A8N L . -18.35 29.89 6.34
C14 A1A8N L . -18.39 28.57 7.16
C18 A1A8N L . -18.04 32.31 6.28
C19 A1A8N L . -19.30 32.56 5.48
C24 A1A8N L . -20.37 33.16 6.11
C23 A1A8N L . -21.54 33.38 5.39
C22 A1A8N L . -21.63 33.00 4.05
C21 A1A8N L . -20.55 32.38 3.42
C20 A1A8N L . -19.39 32.18 4.14
ZN ZN M . -24.62 5.91 11.64
ZN ZN N . -23.02 20.38 10.02
O3 A1A8N O . 2.56 -5.27 9.20
C25 A1A8N O . 3.45 -4.92 10.03
N2 A1A8N O . 3.16 -4.65 11.34
C A1A8N O . 4.11 -4.35 12.25
O A1A8N O . 3.77 -3.97 13.39
C3 A1A8N O . 4.89 -4.86 9.57
C2 A1A8N O . 5.82 -5.31 10.66
C1 A1A8N O . 5.57 -4.40 11.86
N A1A8N O . 6.35 -4.85 12.99
C5 A1A8N O . 5.91 -6.16 13.59
C6 A1A8N O . 6.86 -6.19 14.70
C11 A1A8N O . 7.08 -7.17 15.75
O2 A1A8N O . 6.44 -8.37 15.93
C12 A1A8N O . 7.03 -9.01 17.09
C13 A1A8N O . 8.13 -8.09 17.72
C10 A1A8N O . 8.13 -6.96 16.75
C9 A1A8N O . 8.90 -5.83 16.76
C8 A1A8N O . 8.72 -4.85 15.79
C7 A1A8N O . 7.73 -5.01 14.81
C4 A1A8N O . 7.31 -4.22 13.66
O1 A1A8N O . 7.76 -3.00 13.32
C16 A1A8N O . 7.66 -7.59 19.08
C17 A1A8N O . 7.79 -8.64 20.20
N1 A1A8N O . 9.12 -9.28 20.31
C15 A1A8N O . 9.49 -9.79 18.98
C14 A1A8N O . 9.54 -8.64 17.96
C18 A1A8N O . 9.04 -10.40 21.30
C19 A1A8N O . 10.39 -11.06 21.57
C24 A1A8N O . 11.43 -10.30 22.12
C23 A1A8N O . 12.68 -10.87 22.35
C22 A1A8N O . 12.90 -12.20 22.00
C21 A1A8N O . 11.88 -12.97 21.46
C20 A1A8N O . 10.62 -12.39 21.24
ZN ZN P . 19.91 2.77 -0.12
ZN ZN Q . 14.80 -2.28 12.27
O3 A1A8N R . 36.06 -24.25 -0.99
C25 A1A8N R . 35.23 -24.44 -1.91
N2 A1A8N R . 35.17 -25.59 -2.60
C A1A8N R . 34.21 -25.87 -3.51
O A1A8N R . 34.26 -26.93 -4.10
C3 A1A8N R . 34.22 -23.35 -2.24
C2 A1A8N R . 32.89 -23.91 -2.68
C1 A1A8N R . 33.07 -24.90 -3.82
N A1A8N R . 31.83 -25.63 -4.10
C5 A1A8N R . 31.34 -26.52 -3.04
C6 A1A8N R . 30.20 -27.06 -3.80
C11 A1A8N R . 29.15 -28.01 -3.40
O2 A1A8N R . 28.98 -28.64 -2.23
C12 A1A8N R . 27.64 -29.15 -2.18
C13 A1A8N R . 27.21 -29.38 -3.62
C10 A1A8N R . 28.09 -28.39 -4.32
C9 A1A8N R . 28.02 -27.87 -5.60
C8 A1A8N R . 28.97 -26.94 -6.01
C7 A1A8N R . 30.01 -26.55 -5.14
C4 A1A8N R . 31.16 -25.67 -5.25
O1 A1A8N R . 31.42 -24.93 -6.33
C16 A1A8N R . 27.52 -30.81 -4.03
C17 A1A8N R . 26.61 -31.85 -3.40
N1 A1A8N R . 25.18 -31.50 -3.56
C15 A1A8N R . 24.94 -30.16 -3.01
C14 A1A8N R . 25.76 -29.11 -3.80
C18 A1A8N R . 24.35 -32.49 -2.84
C19 A1A8N R . 22.84 -32.24 -3.04
C24 A1A8N R . 22.22 -32.42 -4.28
C23 A1A8N R . 20.85 -32.18 -4.44
C22 A1A8N R . 20.08 -31.73 -3.35
C21 A1A8N R . 20.69 -31.55 -2.14
C20 A1A8N R . 22.07 -31.79 -1.97
ZN ZN S . 27.69 -6.90 -10.08
ZN ZN T . 26.14 -20.88 -8.89
#